data_6RQM
#
_entry.id   6RQM
#
_cell.length_a   98.770
_cell.length_b   98.770
_cell.length_c   110.500
_cell.angle_alpha   90.00
_cell.angle_beta   90.00
_cell.angle_gamma   120.00
#
_symmetry.space_group_name_H-M   'P 65 2 2'
#
loop_
_entity.id
_entity.type
_entity.pdbx_description
1 polymer 'A blocking anti-CTLA-4 nanobody (KN044)'
2 polymer 'Cytotoxic T-lymphocyte protein 4'
#
loop_
_entity_poly.entity_id
_entity_poly.type
_entity_poly.pdbx_seq_one_letter_code
_entity_poly.pdbx_strand_id
1 'polypeptide(L)'
;QVQLVESGGGLVQPGGSLRLSCAASGYIYSAYCMGWFRQAPGKGLEGVAAIYIGGGSTYYADSVKGRFTISRDNSKNTLY
LQMNSLRAEDTAVYYCAADVIPTETCLGGSWSGPFGYWGQGTLVTVSSGSMDPGGSHHHHHHHH
;
B
2 'polypeptide(L)'
;AMHVAQPAVVLASSRGIASFVCEYASPGKATEVRVTVLRQADSQVTEVCAATYMMGNELTFLDDSICTGTSSGNQVNLTI
QGLRAMDTGLYICKVELMYPPPYYLGIGNGTQIYVIDPEPCPDSD
;
A
#
# COMPACT_ATOMS: atom_id res chain seq x y z
N GLN A 1 -10.00 -0.91 -4.77
CA GLN A 1 -10.96 -1.48 -3.78
C GLN A 1 -10.52 -2.91 -3.41
N VAL A 2 -10.04 -3.09 -2.18
CA VAL A 2 -9.59 -4.40 -1.61
C VAL A 2 -10.10 -4.51 -0.17
N GLN A 3 -10.55 -5.70 0.23
CA GLN A 3 -11.03 -6.02 1.59
C GLN A 3 -10.11 -7.09 2.19
N LEU A 4 -9.92 -7.07 3.51
CA LEU A 4 -9.03 -8.01 4.24
C LEU A 4 -9.74 -8.50 5.51
N VAL A 5 -9.59 -9.77 5.84
CA VAL A 5 -10.19 -10.41 7.05
C VAL A 5 -9.16 -11.36 7.67
N GLU A 6 -8.67 -11.02 8.88
CA GLU A 6 -7.72 -11.85 9.65
C GLU A 6 -8.47 -13.00 10.30
N SER A 7 -7.75 -14.02 10.75
CA SER A 7 -8.30 -15.21 11.47
C SER A 7 -7.14 -16.02 12.06
N GLY A 8 -7.47 -16.98 12.94
CA GLY A 8 -6.50 -17.90 13.55
C GLY A 8 -6.03 -17.42 14.92
N GLY A 9 -6.25 -16.13 15.25
CA GLY A 9 -5.92 -15.53 16.55
C GLY A 9 -6.76 -16.13 17.67
N GLY A 10 -6.20 -16.26 18.87
CA GLY A 10 -6.89 -16.81 20.05
C GLY A 10 -5.96 -17.06 21.22
N LEU A 11 -6.38 -17.94 22.13
CA LEU A 11 -5.63 -18.34 23.36
C LEU A 11 -4.49 -19.28 22.96
N VAL A 12 -3.28 -19.04 23.49
CA VAL A 12 -2.09 -19.93 23.35
C VAL A 12 -1.23 -19.81 24.61
N GLN A 13 -0.47 -20.86 24.95
CA GLN A 13 0.46 -20.88 26.12
C GLN A 13 1.78 -20.24 25.72
N PRO A 14 2.47 -19.53 26.64
CA PRO A 14 3.72 -18.83 26.32
C PRO A 14 4.85 -19.82 25.99
N GLY A 15 5.56 -19.56 24.88
CA GLY A 15 6.55 -20.47 24.30
C GLY A 15 5.96 -21.30 23.16
N GLY A 16 4.66 -21.17 22.91
CA GLY A 16 3.92 -21.94 21.89
C GLY A 16 4.13 -21.39 20.49
N SER A 17 3.25 -21.77 19.56
CA SER A 17 3.29 -21.40 18.12
C SER A 17 1.87 -21.23 17.57
N LEU A 18 1.72 -20.42 16.52
CA LEU A 18 0.43 -20.11 15.87
C LEU A 18 0.69 -19.35 14.57
N ARG A 19 -0.11 -19.60 13.53
CA ARG A 19 -0.02 -18.90 12.21
C ARG A 19 -1.37 -18.22 11.92
N LEU A 20 -1.31 -16.94 11.55
CA LEU A 20 -2.50 -16.07 11.30
C LEU A 20 -2.73 -15.98 9.79
N SER A 21 -3.99 -16.13 9.37
CA SER A 21 -4.46 -16.03 7.97
C SER A 21 -5.12 -14.67 7.75
N CYS A 22 -4.79 -14.00 6.64
CA CYS A 22 -5.42 -12.75 6.15
C CYS A 22 -5.90 -12.95 4.71
N ALA A 23 -7.22 -13.15 4.53
CA ALA A 23 -7.86 -13.45 3.24
C ALA A 23 -8.16 -12.14 2.50
N ALA A 24 -7.30 -11.77 1.56
CA ALA A 24 -7.46 -10.58 0.68
C ALA A 24 -8.66 -10.81 -0.25
N SER A 25 -9.59 -9.86 -0.27
CA SER A 25 -10.86 -9.92 -1.05
C SER A 25 -10.87 -8.79 -2.09
N GLY A 26 -9.84 -8.77 -2.94
CA GLY A 26 -9.70 -7.86 -4.09
C GLY A 26 -8.69 -8.40 -5.09
N TYR A 27 -8.01 -7.51 -5.83
CA TYR A 27 -6.91 -7.86 -6.76
C TYR A 27 -5.59 -7.29 -6.24
N ILE A 28 -4.78 -8.14 -5.62
CA ILE A 28 -3.36 -7.86 -5.27
C ILE A 28 -2.51 -8.28 -6.48
N TYR A 29 -1.33 -7.68 -6.64
CA TYR A 29 -0.35 -8.02 -7.72
C TYR A 29 1.05 -7.59 -7.32
N SER A 30 1.99 -7.57 -8.28
CA SER A 30 3.45 -7.41 -8.08
C SER A 30 3.76 -6.13 -7.29
N ALA A 31 3.24 -4.98 -7.75
CA ALA A 31 3.55 -3.63 -7.22
C ALA A 31 3.10 -3.50 -5.76
N TYR A 32 2.08 -4.26 -5.35
CA TYR A 32 1.54 -4.27 -3.98
C TYR A 32 2.64 -4.68 -3.00
N CYS A 33 2.56 -4.13 -1.79
CA CYS A 33 3.37 -4.51 -0.61
C CYS A 33 2.39 -4.76 0.54
N MET A 34 2.45 -5.95 1.16
CA MET A 34 1.54 -6.38 2.25
C MET A 34 2.37 -6.65 3.51
N GLY A 35 1.79 -6.39 4.69
CA GLY A 35 2.49 -6.53 5.98
C GLY A 35 1.55 -6.85 7.12
N TRP A 36 2.12 -7.24 8.27
CA TRP A 36 1.40 -7.46 9.54
C TRP A 36 1.80 -6.37 10.54
N PHE A 37 0.84 -5.89 11.32
CA PHE A 37 1.01 -4.91 12.41
C PHE A 37 0.37 -5.49 13.67
N ARG A 38 0.76 -5.00 14.85
CA ARG A 38 0.15 -5.39 16.14
C ARG A 38 -0.01 -4.15 17.04
N GLN A 39 -1.07 -4.14 17.83
CA GLN A 39 -1.36 -3.11 18.87
C GLN A 39 -1.24 -3.79 20.23
N ALA A 40 -0.19 -3.47 20.97
CA ALA A 40 0.06 -3.92 22.37
C ALA A 40 -1.03 -3.35 23.28
N PRO A 41 -1.23 -3.91 24.50
CA PRO A 41 -2.27 -3.44 25.40
C PRO A 41 -2.30 -1.91 25.56
N GLY A 42 -1.20 -1.31 26.04
CA GLY A 42 -1.08 0.14 26.29
C GLY A 42 -0.52 0.88 25.08
N LYS A 43 0.58 0.37 24.52
CA LYS A 43 1.34 0.98 23.41
C LYS A 43 0.46 1.07 22.15
N GLY A 44 0.81 1.96 21.22
CA GLY A 44 0.15 2.13 19.92
C GLY A 44 0.57 1.05 18.92
N LEU A 45 0.38 1.32 17.63
CA LEU A 45 0.52 0.33 16.54
C LEU A 45 2.01 0.17 16.15
N GLU A 46 2.50 -1.07 16.17
CA GLU A 46 3.89 -1.45 15.81
C GLU A 46 3.85 -2.36 14.58
N GLY A 47 4.76 -2.15 13.61
CA GLY A 47 4.96 -3.03 12.45
C GLY A 47 5.85 -4.21 12.80
N VAL A 48 5.39 -5.45 12.55
CA VAL A 48 6.11 -6.70 12.90
C VAL A 48 6.87 -7.23 11.66
N ALA A 49 6.22 -7.23 10.49
CA ALA A 49 6.77 -7.78 9.23
C ALA A 49 6.05 -7.20 8.01
N ALA A 50 6.76 -7.09 6.88
CA ALA A 50 6.23 -6.66 5.57
C ALA A 50 6.83 -7.52 4.45
N ILE A 51 6.12 -7.63 3.32
CA ILE A 51 6.58 -8.33 2.07
C ILE A 51 6.36 -7.40 0.89
N TYR A 52 7.32 -7.38 -0.05
CA TYR A 52 7.15 -6.86 -1.42
C TYR A 52 6.64 -8.02 -2.29
N ILE A 53 5.32 -8.04 -2.57
CA ILE A 53 4.62 -9.14 -3.28
C ILE A 53 5.44 -9.56 -4.49
N GLY A 54 5.77 -8.59 -5.36
CA GLY A 54 6.58 -8.79 -6.58
C GLY A 54 7.83 -9.60 -6.30
N GLY A 55 8.72 -9.07 -5.46
CA GLY A 55 9.99 -9.73 -5.07
C GLY A 55 9.79 -10.72 -3.94
N GLY A 56 10.84 -11.47 -3.60
CA GLY A 56 10.87 -12.32 -2.39
C GLY A 56 11.09 -11.49 -1.14
N SER A 57 11.64 -10.29 -1.32
CA SER A 57 12.10 -9.34 -0.26
C SER A 57 11.09 -9.31 0.90
N THR A 58 11.60 -9.42 2.14
CA THR A 58 10.82 -9.35 3.40
C THR A 58 11.54 -8.42 4.39
N TYR A 59 10.79 -7.80 5.31
CA TYR A 59 11.31 -7.06 6.48
C TYR A 59 10.75 -7.71 7.76
N TYR A 60 11.53 -7.67 8.85
CA TYR A 60 11.14 -8.18 10.19
C TYR A 60 11.65 -7.19 11.26
N ALA A 61 10.81 -6.92 12.26
CA ALA A 61 11.15 -6.09 13.44
C ALA A 61 12.15 -6.86 14.30
N ASP A 62 13.12 -6.15 14.89
CA ASP A 62 14.24 -6.73 15.69
C ASP A 62 13.70 -7.75 16.69
N SER A 63 12.56 -7.46 17.33
CA SER A 63 11.96 -8.27 18.42
C SER A 63 11.51 -9.65 17.91
N VAL A 64 11.16 -9.78 16.62
CA VAL A 64 10.45 -10.98 16.08
C VAL A 64 11.23 -11.66 14.95
N LYS A 65 12.41 -11.16 14.56
CA LYS A 65 13.21 -11.77 13.46
C LYS A 65 13.89 -13.02 14.00
N GLY A 66 13.64 -14.17 13.37
CA GLY A 66 14.17 -15.49 13.77
C GLY A 66 13.15 -16.33 14.53
N ARG A 67 11.93 -15.81 14.70
CA ARG A 67 10.82 -16.48 15.42
C ARG A 67 9.52 -16.35 14.61
N PHE A 68 9.20 -15.14 14.13
CA PHE A 68 8.08 -14.85 13.21
C PHE A 68 8.55 -15.02 11.77
N THR A 69 7.66 -15.52 10.89
CA THR A 69 7.86 -15.57 9.42
C THR A 69 6.55 -15.17 8.75
N ILE A 70 6.62 -14.46 7.61
CA ILE A 70 5.47 -13.94 6.85
C ILE A 70 5.46 -14.60 5.47
N SER A 71 4.28 -15.02 4.97
CA SER A 71 4.10 -15.88 3.79
C SER A 71 2.92 -15.40 2.94
N ARG A 72 2.92 -15.76 1.65
CA ARG A 72 1.92 -15.34 0.64
C ARG A 72 1.89 -16.37 -0.49
N ASP A 73 0.69 -16.75 -0.96
CA ASP A 73 0.50 -17.65 -2.14
C ASP A 73 -0.59 -17.05 -3.02
N ASN A 74 -0.20 -16.55 -4.19
CA ASN A 74 -1.10 -15.86 -5.17
C ASN A 74 -2.32 -16.75 -5.46
N SER A 75 -2.12 -18.07 -5.54
CA SER A 75 -3.17 -19.09 -5.77
C SER A 75 -4.37 -18.83 -4.85
N LYS A 76 -4.12 -18.79 -3.53
CA LYS A 76 -5.16 -18.58 -2.49
C LYS A 76 -5.55 -17.09 -2.41
N ASN A 77 -4.61 -16.20 -2.71
CA ASN A 77 -4.75 -14.72 -2.57
C ASN A 77 -4.99 -14.42 -1.09
N THR A 78 -4.09 -14.92 -0.23
CA THR A 78 -4.15 -14.76 1.25
C THR A 78 -2.73 -14.59 1.79
N LEU A 79 -2.54 -13.64 2.71
CA LEU A 79 -1.27 -13.40 3.44
C LEU A 79 -1.29 -14.23 4.73
N TYR A 80 -0.15 -14.80 5.11
CA TYR A 80 0.03 -15.62 6.33
C TYR A 80 1.17 -15.04 7.18
N LEU A 81 1.02 -15.13 8.51
CA LEU A 81 2.10 -14.88 9.50
C LEU A 81 2.23 -16.12 10.39
N GLN A 82 3.39 -16.78 10.34
CA GLN A 82 3.72 -17.89 11.28
C GLN A 82 4.47 -17.29 12.47
N MET A 83 3.82 -17.30 13.64
CA MET A 83 4.41 -16.87 14.93
C MET A 83 4.91 -18.11 15.68
N ASN A 84 6.23 -18.24 15.79
CA ASN A 84 6.91 -19.39 16.46
C ASN A 84 7.58 -18.85 17.73
N SER A 85 7.52 -19.62 18.82
CA SER A 85 8.06 -19.25 20.16
C SER A 85 7.44 -17.92 20.60
N LEU A 86 6.21 -17.96 21.09
CA LEU A 86 5.42 -16.76 21.53
C LEU A 86 5.95 -16.27 22.88
N ARG A 87 5.45 -15.13 23.35
CA ARG A 87 5.95 -14.44 24.58
C ARG A 87 4.86 -13.51 25.12
N ALA A 88 5.04 -13.02 26.35
CA ALA A 88 4.15 -12.05 27.03
C ALA A 88 4.18 -10.70 26.31
N GLU A 89 5.21 -10.41 25.51
CA GLU A 89 5.37 -9.12 24.77
C GLU A 89 4.74 -9.22 23.38
N ASP A 90 4.47 -10.45 22.90
CA ASP A 90 3.87 -10.71 21.56
C ASP A 90 2.35 -10.47 21.63
N THR A 91 1.73 -10.77 22.78
CA THR A 91 0.25 -10.68 23.00
C THR A 91 -0.25 -9.29 22.60
N ALA A 92 -1.17 -9.24 21.63
CA ALA A 92 -1.63 -7.98 20.98
C ALA A 92 -2.80 -8.27 20.01
N VAL A 93 -3.35 -7.22 19.41
CA VAL A 93 -4.34 -7.28 18.29
C VAL A 93 -3.56 -7.12 16.98
N TYR A 94 -3.49 -8.18 16.17
CA TYR A 94 -2.67 -8.24 14.92
C TYR A 94 -3.54 -7.86 13.73
N TYR A 95 -3.17 -6.76 13.06
CA TYR A 95 -3.90 -6.16 11.90
C TYR A 95 -3.13 -6.46 10.61
N CYS A 96 -3.86 -6.94 9.60
CA CYS A 96 -3.39 -7.14 8.20
C CYS A 96 -3.41 -5.78 7.49
N ALA A 97 -2.45 -5.54 6.60
CA ALA A 97 -2.28 -4.26 5.88
C ALA A 97 -1.67 -4.51 4.49
N ALA A 98 -2.18 -3.80 3.47
CA ALA A 98 -1.75 -3.88 2.06
C ALA A 98 -1.80 -2.48 1.43
N ASP A 99 -0.81 -2.14 0.59
CA ASP A 99 -0.73 -0.86 -0.15
C ASP A 99 0.39 -0.94 -1.20
N VAL A 100 0.20 -0.27 -2.34
CA VAL A 100 1.27 -0.02 -3.36
C VAL A 100 2.04 1.22 -2.90
N ILE A 101 3.29 1.03 -2.48
CA ILE A 101 4.15 2.07 -1.82
C ILE A 101 5.59 1.81 -2.24
N PRO A 102 6.49 2.82 -2.26
CA PRO A 102 7.91 2.57 -2.57
C PRO A 102 8.51 1.41 -1.76
N THR A 103 9.28 0.54 -2.41
CA THR A 103 9.85 -0.71 -1.83
C THR A 103 10.74 -0.37 -0.64
N GLU A 104 11.53 0.70 -0.75
CA GLU A 104 12.53 1.10 0.28
C GLU A 104 11.81 1.49 1.58
N THR A 105 10.59 2.01 1.47
CA THR A 105 9.75 2.44 2.64
C THR A 105 8.93 1.24 3.12
N CYS A 106 8.46 0.41 2.20
CA CYS A 106 7.73 -0.87 2.49
C CYS A 106 8.60 -1.77 3.36
N LEU A 107 9.85 -2.02 2.94
CA LEU A 107 10.82 -2.91 3.63
C LEU A 107 11.72 -2.10 4.57
N GLY A 108 11.60 -0.76 4.57
CA GLY A 108 12.42 0.17 5.37
C GLY A 108 12.20 0.00 6.86
N GLY A 109 11.09 -0.61 7.27
CA GLY A 109 10.74 -0.86 8.68
C GLY A 109 10.05 0.33 9.32
N SER A 110 9.72 1.35 8.50
CA SER A 110 9.12 2.63 8.91
C SER A 110 7.75 2.80 8.24
N TRP A 111 7.20 1.72 7.66
CA TRP A 111 5.98 1.76 6.82
C TRP A 111 4.87 2.51 7.58
N SER A 112 4.38 1.91 8.68
CA SER A 112 3.45 2.59 9.63
C SER A 112 2.24 3.17 8.87
N GLY A 113 1.85 4.40 9.19
CA GLY A 113 0.84 5.16 8.44
C GLY A 113 -0.58 4.76 8.79
N PRO A 114 -1.55 5.69 8.68
CA PRO A 114 -2.98 5.35 8.74
C PRO A 114 -3.57 5.00 7.38
N PHE A 115 -2.79 5.17 6.30
CA PHE A 115 -3.20 4.99 4.88
C PHE A 115 -3.06 3.53 4.47
N GLY A 116 -3.64 3.18 3.32
CA GLY A 116 -3.67 1.80 2.78
C GLY A 116 -4.94 1.08 3.19
N TYR A 117 -5.11 -0.15 2.72
CA TYR A 117 -6.22 -1.07 3.13
C TYR A 117 -5.79 -1.75 4.43
N TRP A 118 -6.73 -1.95 5.35
CA TRP A 118 -6.50 -2.60 6.68
C TRP A 118 -7.60 -3.64 6.95
N GLY A 119 -7.24 -4.71 7.68
CA GLY A 119 -8.18 -5.76 8.11
C GLY A 119 -8.90 -5.36 9.39
N GLN A 120 -9.95 -6.11 9.76
CA GLN A 120 -10.78 -5.87 10.97
C GLN A 120 -9.92 -6.10 12.23
N GLY A 121 -8.86 -6.90 12.11
CA GLY A 121 -7.96 -7.29 13.20
C GLY A 121 -8.32 -8.68 13.72
N THR A 122 -7.41 -9.33 14.44
CA THR A 122 -7.63 -10.61 15.16
C THR A 122 -6.86 -10.58 16.48
N LEU A 123 -7.55 -10.90 17.59
CA LEU A 123 -7.01 -10.80 18.96
C LEU A 123 -6.16 -12.04 19.27
N VAL A 124 -4.94 -11.82 19.76
CA VAL A 124 -3.96 -12.89 20.14
C VAL A 124 -3.56 -12.69 21.60
N THR A 125 -4.15 -13.47 22.51
CA THR A 125 -3.81 -13.50 23.96
C THR A 125 -2.88 -14.69 24.24
N VAL A 126 -1.66 -14.42 24.71
CA VAL A 126 -0.65 -15.46 25.09
C VAL A 126 0.03 -15.02 26.40
N SER A 127 -0.12 -15.81 27.45
CA SER A 127 0.39 -15.55 28.83
C SER A 127 0.07 -16.73 29.75
N SER A 128 0.67 -16.74 30.95
CA SER A 128 0.50 -17.76 32.01
C SER A 128 0.92 -19.14 31.49
N HIS B 3 -14.84 6.47 -10.23
CA HIS B 3 -14.78 5.50 -9.08
C HIS B 3 -13.33 5.33 -8.61
N VAL B 4 -12.44 4.93 -9.52
CA VAL B 4 -10.95 4.90 -9.32
C VAL B 4 -10.30 5.75 -10.42
N ALA B 5 -8.97 5.80 -10.47
CA ALA B 5 -8.18 6.61 -11.42
C ALA B 5 -8.28 6.03 -12.83
N GLN B 6 -8.20 6.90 -13.85
CA GLN B 6 -8.16 6.53 -15.29
C GLN B 6 -6.75 6.76 -15.81
N PRO B 7 -5.94 5.71 -16.05
CA PRO B 7 -4.66 5.86 -16.73
C PRO B 7 -4.86 6.29 -18.20
N ALA B 8 -4.09 7.29 -18.65
CA ALA B 8 -4.08 7.79 -20.04
C ALA B 8 -2.62 7.90 -20.53
N VAL B 9 -2.41 7.84 -21.84
CA VAL B 9 -1.07 7.96 -22.48
C VAL B 9 -1.19 8.86 -23.71
N VAL B 10 -0.22 9.76 -23.89
CA VAL B 10 -0.14 10.74 -25.01
C VAL B 10 1.17 10.49 -25.75
N LEU B 11 1.13 10.45 -27.08
CA LEU B 11 2.27 10.01 -27.94
C LEU B 11 2.08 10.52 -29.38
N ALA B 12 2.93 10.04 -30.31
CA ALA B 12 2.86 10.28 -31.77
C ALA B 12 3.18 8.99 -32.53
N ALA B 18 5.16 12.14 -25.43
CA ALA B 18 5.41 10.97 -24.55
C ALA B 18 5.07 11.33 -23.10
N SER B 19 3.81 11.10 -22.69
CA SER B 19 3.26 11.48 -21.36
C SER B 19 2.39 10.36 -20.78
N PHE B 20 2.40 10.20 -19.45
CA PHE B 20 1.44 9.38 -18.67
C PHE B 20 0.61 10.31 -17.78
N VAL B 21 -0.70 10.06 -17.73
CA VAL B 21 -1.72 10.97 -17.12
C VAL B 21 -2.71 10.15 -16.29
N CYS B 22 -2.80 10.42 -14.98
CA CYS B 22 -3.92 9.97 -14.11
C CYS B 22 -5.04 11.00 -14.16
N GLU B 23 -6.28 10.55 -14.36
CA GLU B 23 -7.50 11.39 -14.35
C GLU B 23 -8.47 10.78 -13.34
N TYR B 24 -8.92 11.57 -12.36
CA TYR B 24 -9.98 11.17 -11.39
C TYR B 24 -11.09 12.22 -11.39
N ALA B 25 -12.34 11.76 -11.31
CA ALA B 25 -13.56 12.57 -11.07
C ALA B 25 -13.91 12.47 -9.58
N SER B 26 -13.71 13.57 -8.84
CA SER B 26 -13.98 13.68 -7.37
C SER B 26 -15.48 13.52 -7.13
N PRO B 27 -15.91 12.94 -5.98
CA PRO B 27 -17.33 12.83 -5.66
C PRO B 27 -18.05 14.17 -5.45
N GLY B 28 -17.29 15.21 -5.05
CA GLY B 28 -17.81 16.56 -4.73
C GLY B 28 -17.88 16.77 -3.23
N LYS B 29 -18.35 15.75 -2.50
CA LYS B 29 -18.32 15.68 -1.01
C LYS B 29 -16.87 15.87 -0.53
N ALA B 30 -15.94 15.09 -1.08
CA ALA B 30 -14.50 15.12 -0.77
C ALA B 30 -13.91 16.49 -1.12
N THR B 31 -13.22 17.11 -0.15
CA THR B 31 -12.61 18.47 -0.24
C THR B 31 -11.09 18.37 -0.32
N GLU B 32 -10.51 17.24 0.10
CA GLU B 32 -9.05 16.94 0.00
C GLU B 32 -8.86 15.61 -0.74
N VAL B 33 -8.03 15.61 -1.78
CA VAL B 33 -7.75 14.43 -2.66
C VAL B 33 -6.25 14.38 -2.95
N ARG B 34 -5.63 13.20 -2.88
CA ARG B 34 -4.21 13.00 -3.26
C ARG B 34 -4.09 11.91 -4.33
N VAL B 35 -3.58 12.28 -5.50
CA VAL B 35 -3.23 11.36 -6.61
C VAL B 35 -1.72 11.11 -6.56
N THR B 36 -1.30 9.86 -6.38
CA THR B 36 0.11 9.41 -6.42
C THR B 36 0.33 8.59 -7.69
N VAL B 37 1.46 8.80 -8.38
CA VAL B 37 1.92 7.96 -9.53
C VAL B 37 3.19 7.22 -9.11
N LEU B 38 3.12 5.89 -9.03
CA LEU B 38 4.28 5.01 -8.72
C LEU B 38 4.69 4.24 -9.98
N ARG B 39 5.86 3.61 -9.96
CA ARG B 39 6.42 2.86 -11.12
C ARG B 39 7.20 1.64 -10.62
N GLN B 40 6.78 0.45 -11.06
CA GLN B 40 7.54 -0.81 -10.88
C GLN B 40 8.49 -0.97 -12.07
N ALA B 41 9.79 -1.04 -11.80
CA ALA B 41 10.84 -1.29 -12.81
C ALA B 41 12.07 -1.87 -12.11
N ASP B 42 12.53 -3.05 -12.56
CA ASP B 42 13.78 -3.70 -12.10
C ASP B 42 13.61 -4.11 -10.62
N SER B 43 12.57 -4.91 -10.35
CA SER B 43 12.30 -5.56 -9.04
C SER B 43 12.23 -4.51 -7.91
N GLN B 44 11.58 -3.38 -8.18
CA GLN B 44 11.50 -2.22 -7.24
C GLN B 44 10.35 -1.29 -7.65
N VAL B 45 9.42 -1.02 -6.73
CA VAL B 45 8.33 -0.02 -6.90
C VAL B 45 8.81 1.30 -6.27
N THR B 46 8.48 2.41 -6.93
CA THR B 46 9.07 3.76 -6.68
C THR B 46 7.97 4.81 -6.87
N GLU B 47 7.94 5.84 -6.01
CA GLU B 47 7.06 7.03 -6.21
C GLU B 47 7.70 7.89 -7.29
N VAL B 48 6.96 8.12 -8.37
CA VAL B 48 7.35 9.09 -9.46
C VAL B 48 7.05 10.49 -8.94
N CYS B 49 5.83 10.70 -8.45
CA CYS B 49 5.35 12.00 -7.91
C CYS B 49 3.98 11.83 -7.25
N ALA B 50 3.62 12.77 -6.37
CA ALA B 50 2.29 12.91 -5.75
C ALA B 50 1.86 14.38 -5.81
N ALA B 51 0.56 14.63 -5.72
CA ALA B 51 -0.05 15.98 -5.70
C ALA B 51 -1.36 15.93 -4.91
N THR B 52 -1.59 16.93 -4.05
CA THR B 52 -2.80 17.02 -3.19
C THR B 52 -3.64 18.21 -3.66
N TYR B 53 -4.95 17.98 -3.82
CA TYR B 53 -5.92 18.90 -4.47
C TYR B 53 -7.01 19.30 -3.47
N MET B 54 -7.15 20.59 -3.21
CA MET B 54 -8.21 21.17 -2.34
C MET B 54 -9.40 21.57 -3.22
N MET B 55 -10.45 20.74 -3.23
CA MET B 55 -11.66 20.94 -4.08
C MET B 55 -12.49 22.07 -3.47
N GLY B 56 -12.96 23.01 -4.32
CA GLY B 56 -13.64 24.25 -3.91
C GLY B 56 -12.68 25.43 -3.91
N ASN B 57 -11.42 25.19 -3.51
CA ASN B 57 -10.30 26.17 -3.55
C ASN B 57 -9.53 25.99 -4.87
N GLU B 58 -9.86 24.95 -5.64
CA GLU B 58 -9.23 24.55 -6.93
C GLU B 58 -7.72 24.89 -6.88
N LEU B 59 -7.02 24.39 -5.87
CA LEU B 59 -5.56 24.61 -5.63
C LEU B 59 -4.86 23.26 -5.43
N THR B 60 -3.70 23.08 -6.06
CA THR B 60 -2.91 21.81 -6.05
C THR B 60 -1.55 22.06 -5.39
N PHE B 61 -1.01 21.05 -4.70
CA PHE B 61 0.33 21.06 -4.06
C PHE B 61 1.12 19.83 -4.55
N LEU B 62 2.07 20.06 -5.46
CA LEU B 62 2.91 19.00 -6.09
C LEU B 62 4.04 18.64 -5.12
N ASP B 63 4.21 17.35 -4.82
CA ASP B 63 5.24 16.81 -3.89
C ASP B 63 6.57 16.68 -4.64
N ASP B 64 6.53 16.68 -5.97
CA ASP B 64 7.73 16.57 -6.85
C ASP B 64 7.59 17.56 -8.02
N SER B 65 8.72 18.04 -8.54
CA SER B 65 8.84 19.00 -9.67
C SER B 65 8.71 18.27 -11.02
N ILE B 66 9.02 16.97 -11.03
CA ILE B 66 9.04 16.10 -12.25
C ILE B 66 7.66 16.08 -12.91
N CYS B 67 6.58 16.14 -12.12
CA CYS B 67 5.17 16.05 -12.59
C CYS B 67 4.55 17.46 -12.72
N THR B 68 3.35 17.52 -13.30
CA THR B 68 2.53 18.75 -13.48
C THR B 68 1.07 18.44 -13.15
N GLY B 69 0.67 18.68 -11.90
CA GLY B 69 -0.74 18.56 -11.45
C GLY B 69 -1.59 19.72 -11.96
N THR B 70 -2.88 19.46 -12.20
CA THR B 70 -3.88 20.45 -12.69
C THR B 70 -5.25 20.09 -12.13
N SER B 71 -6.03 21.10 -11.70
CA SER B 71 -7.36 20.96 -11.04
C SER B 71 -8.42 21.72 -11.82
N SER B 72 -9.68 21.26 -11.72
CA SER B 72 -10.91 21.98 -12.15
C SER B 72 -12.02 21.71 -11.13
N GLY B 73 -13.22 22.23 -11.38
CA GLY B 73 -14.39 22.11 -10.48
C GLY B 73 -14.50 20.72 -9.88
N ASN B 74 -14.71 19.70 -10.72
CA ASN B 74 -15.03 18.31 -10.29
C ASN B 74 -13.80 17.40 -10.47
N GLN B 75 -13.10 17.53 -11.60
CA GLN B 75 -12.07 16.54 -12.04
C GLN B 75 -10.67 17.11 -11.83
N VAL B 76 -9.73 16.24 -11.41
CA VAL B 76 -8.31 16.55 -11.09
C VAL B 76 -7.41 15.63 -11.91
N ASN B 77 -6.21 16.10 -12.24
CA ASN B 77 -5.31 15.49 -13.26
C ASN B 77 -3.85 15.64 -12.79
N LEU B 78 -3.06 14.57 -12.89
CA LEU B 78 -1.61 14.53 -12.58
C LEU B 78 -0.86 13.91 -13.77
N THR B 79 0.12 14.64 -14.32
CA THR B 79 0.81 14.31 -15.61
C THR B 79 2.32 14.24 -15.39
N ILE B 80 2.97 13.27 -16.03
CA ILE B 80 4.46 13.25 -16.28
C ILE B 80 4.68 13.35 -17.79
N GLN B 81 5.56 14.25 -18.24
CA GLN B 81 5.84 14.57 -19.66
C GLN B 81 7.29 14.23 -19.99
N GLY B 82 7.61 14.06 -21.28
CA GLY B 82 8.96 13.80 -21.79
C GLY B 82 9.55 12.52 -21.20
N LEU B 83 8.85 11.40 -21.39
CA LEU B 83 9.31 10.04 -20.96
C LEU B 83 10.40 9.58 -21.92
N ARG B 84 11.50 9.02 -21.39
CA ARG B 84 12.65 8.51 -22.16
C ARG B 84 12.82 7.01 -21.90
N ALA B 85 13.78 6.37 -22.58
CA ALA B 85 13.98 4.90 -22.63
C ALA B 85 14.03 4.31 -21.22
N MET B 86 14.69 4.98 -20.27
CA MET B 86 14.91 4.48 -18.89
C MET B 86 13.62 4.60 -18.06
N ASP B 87 12.69 5.47 -18.47
CA ASP B 87 11.38 5.65 -17.79
C ASP B 87 10.49 4.44 -18.05
N THR B 88 10.83 3.60 -19.05
CA THR B 88 10.18 2.29 -19.34
C THR B 88 9.91 1.56 -18.01
N GLY B 89 8.65 1.20 -17.77
CA GLY B 89 8.23 0.41 -16.58
C GLY B 89 6.72 0.34 -16.47
N LEU B 90 6.23 -0.32 -15.41
CA LEU B 90 4.79 -0.38 -15.07
C LEU B 90 4.42 0.92 -14.35
N TYR B 91 3.31 1.55 -14.76
CA TYR B 91 2.81 2.83 -14.20
C TYR B 91 1.44 2.61 -13.53
N ILE B 92 1.40 2.83 -12.22
CA ILE B 92 0.20 2.68 -11.35
C ILE B 92 -0.34 4.08 -11.04
N CYS B 93 -1.64 4.29 -11.24
CA CYS B 93 -2.40 5.43 -10.65
C CYS B 93 -2.91 5.01 -9.28
N LYS B 94 -2.70 5.86 -8.27
CA LYS B 94 -3.29 5.70 -6.91
C LYS B 94 -4.13 6.95 -6.61
N VAL B 95 -5.31 6.77 -6.02
CA VAL B 95 -6.24 7.87 -5.65
C VAL B 95 -6.69 7.68 -4.21
N GLU B 96 -6.55 8.72 -3.39
CA GLU B 96 -6.88 8.71 -1.94
C GLU B 96 -7.80 9.90 -1.63
N LEU B 97 -8.96 9.63 -1.02
CA LEU B 97 -9.91 10.66 -0.50
C LEU B 97 -9.60 10.89 0.98
N MET B 98 -8.91 11.99 1.28
CA MET B 98 -8.36 12.31 2.63
C MET B 98 -9.47 12.85 3.54
N TYR B 99 -10.14 13.91 3.10
CA TYR B 99 -11.17 14.65 3.89
C TYR B 99 -12.35 15.02 3.01
N PRO B 100 -13.60 14.96 3.52
CA PRO B 100 -13.91 14.41 4.84
C PRO B 100 -13.79 12.89 4.86
N PRO B 101 -14.02 12.24 6.01
CA PRO B 101 -14.23 10.79 6.05
C PRO B 101 -15.44 10.40 5.19
N PRO B 102 -15.56 9.12 4.77
CA PRO B 102 -14.56 8.09 5.06
C PRO B 102 -13.35 8.19 4.12
N TYR B 103 -12.20 7.69 4.59
CA TYR B 103 -10.96 7.54 3.79
C TYR B 103 -11.20 6.45 2.73
N TYR B 104 -10.95 6.77 1.47
CA TYR B 104 -11.07 5.84 0.31
C TYR B 104 -9.72 5.75 -0.40
N LEU B 105 -9.33 4.53 -0.78
CA LEU B 105 -8.12 4.22 -1.58
C LEU B 105 -8.52 3.41 -2.82
N GLY B 106 -8.09 3.85 -4.00
CA GLY B 106 -8.31 3.18 -5.30
C GLY B 106 -7.02 3.03 -6.07
N ILE B 107 -6.51 1.80 -6.18
CA ILE B 107 -5.22 1.46 -6.86
C ILE B 107 -5.52 0.68 -8.14
N GLY B 108 -5.34 1.31 -9.30
CA GLY B 108 -5.56 0.68 -10.61
C GLY B 108 -4.48 -0.34 -10.90
N ASN B 109 -4.81 -1.40 -11.64
CA ASN B 109 -3.83 -2.33 -12.26
C ASN B 109 -2.90 -1.47 -13.11
N GLY B 110 -1.58 -1.74 -13.06
CA GLY B 110 -0.57 -0.95 -13.79
C GLY B 110 -0.75 -1.03 -15.30
N THR B 111 -0.25 -0.03 -16.03
CA THR B 111 -0.22 -0.01 -17.53
C THR B 111 1.24 0.12 -17.99
N GLN B 112 1.82 -0.99 -18.43
CA GLN B 112 3.23 -1.08 -18.91
C GLN B 112 3.47 -0.03 -20.00
N ILE B 113 4.57 0.72 -19.90
CA ILE B 113 5.00 1.75 -20.89
C ILE B 113 6.38 1.34 -21.42
N TYR B 114 6.51 1.15 -22.74
CA TYR B 114 7.80 0.91 -23.44
C TYR B 114 8.14 2.14 -24.29
N VAL B 115 9.35 2.70 -24.10
CA VAL B 115 9.83 3.94 -24.76
C VAL B 115 11.15 3.64 -25.48
N ILE B 116 11.33 4.19 -26.68
CA ILE B 116 12.55 4.05 -27.52
C ILE B 116 12.87 5.40 -28.18
N ASP B 117 14.15 5.65 -28.50
CA ASP B 117 14.64 6.97 -28.98
C ASP B 117 15.60 6.77 -30.15
N PRO B 118 15.13 6.87 -31.42
CA PRO B 118 16.01 6.77 -32.58
C PRO B 118 16.75 8.09 -32.87
#